data_5QBS
#
_entry.id   5QBS
#
_cell.length_a   45.356
_cell.length_b   73.676
_cell.length_c   53.207
_cell.angle_alpha   90.000
_cell.angle_beta   110.000
_cell.angle_gamma   90.000
#
_symmetry.space_group_name_H-M   'P 1 21 1'
#
loop_
_entity.id
_entity.type
_entity.pdbx_description
1 polymer Endothiapepsin
2 non-polymer 'ACETATE ION'
3 non-polymer 'DIMETHYL SULFOXIDE'
4 non-polymer (1S,2S,3S,4R,5R)-2-(benzylamino)-4-(phenylsulfanyl)-6,8-dioxabicyclo[3.2.1]octan-3-ol
5 non-polymer DI(HYDROXYETHYL)ETHER
6 water water
#
_entity_poly.entity_id   1
_entity_poly.type   'polypeptide(L)'
_entity_poly.pdbx_seq_one_letter_code
;STGSATTTPIDSLDDAYITPVQIGTPAQTLNLDFDTGSSDLWVFSSETTASEVDGQTIYTPSKSTTAKLLSGATWSISYG
DGSSSSGDVYTDTVSVGGLTVTGQAVESAKKVSSSFTEDSTIDGLLGLAFSTLNTVSPTQQKTFFDNAKASLDSPVFTAD
LGYHAPGTYNFGFIDTTAYTGSITYTAVSTKQGFWEWTSTGYAVGSGTFKSTSIDGIADTGTTLLYLPATVVSAYWAQVS
GAKSSSSVGGYVFPCSATLPSFTFGVGSARIVIPGDYIDFGPISTGSSSCFGGIQSSAGIGINIFGDVALKAAFVVFNGA
TTPTLGFASK
;
_entity_poly.pdbx_strand_id   A
#
loop_
_chem_comp.id
_chem_comp.type
_chem_comp.name
_chem_comp.formula
ACT non-polymer 'ACETATE ION' 'C2 H3 O2 -1'
DD7 non-polymer (1S,2S,3S,4R,5R)-2-(benzylamino)-4-(phenylsulfanyl)-6,8-dioxabicyclo[3.2.1]octan-3-ol 'C19 H21 N O3 S'
DMS non-polymer 'DIMETHYL SULFOXIDE' 'C2 H6 O S'
PEG non-polymer DI(HYDROXYETHYL)ETHER 'C4 H10 O3'
#
# COMPACT_ATOMS: atom_id res chain seq x y z
N SER A 1 -19.33 12.35 7.79
N SER A 1 -19.40 12.34 7.78
CA SER A 1 -19.58 11.04 7.20
CA SER A 1 -19.59 11.02 7.16
C SER A 1 -18.39 10.12 7.40
C SER A 1 -18.42 10.12 7.47
N THR A 2 -18.63 8.81 7.25
CA THR A 2 -17.57 7.82 7.41
C THR A 2 -17.70 6.74 6.33
N GLY A 3 -16.65 5.97 6.14
CA GLY A 3 -16.71 4.77 5.33
C GLY A 3 -15.92 3.65 5.97
N SER A 4 -16.29 2.41 5.66
CA SER A 4 -15.57 1.27 6.20
C SER A 4 -15.67 0.12 5.23
N ALA A 5 -14.52 -0.41 4.80
CA ALA A 5 -14.50 -1.49 3.83
C ALA A 5 -13.49 -2.55 4.22
N THR A 6 -13.82 -3.81 3.92
CA THR A 6 -12.93 -4.91 4.17
C THR A 6 -11.88 -5.02 3.07
N THR A 7 -10.63 -5.21 3.46
CA THR A 7 -9.55 -5.43 2.51
C THR A 7 -9.03 -6.86 2.66
N THR A 8 -8.71 -7.49 1.53
CA THR A 8 -8.46 -8.93 1.45
C THR A 8 -7.14 -9.23 0.74
N PRO A 9 -6.30 -10.12 1.30
CA PRO A 9 -5.09 -10.52 0.58
C PRO A 9 -5.44 -11.16 -0.76
N ILE A 10 -4.70 -10.85 -1.81
CA ILE A 10 -4.97 -11.41 -3.13
C ILE A 10 -4.49 -12.86 -3.28
N ASP A 11 -3.59 -13.28 -2.40
CA ASP A 11 -3.05 -14.64 -2.44
C ASP A 11 -2.57 -15.09 -1.06
N SER A 12 -2.00 -16.28 -0.98
CA SER A 12 -1.63 -16.87 0.30
C SER A 12 -0.39 -16.25 0.93
N LEU A 13 0.29 -15.40 0.18
CA LEU A 13 1.50 -14.76 0.65
C LEU A 13 1.26 -13.33 1.12
N ASP A 14 0.02 -12.87 1.03
CA ASP A 14 -0.28 -11.45 1.28
C ASP A 14 0.55 -10.54 0.37
N ASP A 15 0.64 -10.88 -0.91
CA ASP A 15 1.44 -10.07 -1.85
C ASP A 15 0.86 -8.66 -2.02
N ALA A 16 -0.45 -8.57 -1.85
CA ALA A 16 -1.17 -7.31 -1.94
C ALA A 16 -2.57 -7.51 -1.40
N TYR A 17 -3.27 -6.40 -1.26
CA TYR A 17 -4.61 -6.39 -0.68
C TYR A 17 -5.59 -5.68 -1.60
N ILE A 18 -6.76 -6.26 -1.81
CA ILE A 18 -7.77 -5.62 -2.64
C ILE A 18 -9.00 -5.25 -1.81
N THR A 19 -9.61 -4.13 -2.20
CA THR A 19 -10.75 -3.55 -1.49
C THR A 19 -11.82 -3.21 -2.52
N PRO A 20 -13.07 -3.64 -2.28
CA PRO A 20 -14.12 -3.37 -3.26
C PRO A 20 -14.51 -1.88 -3.32
N VAL A 21 -14.63 -1.34 -4.54
CA VAL A 21 -14.94 0.06 -4.75
C VAL A 21 -16.08 0.16 -5.75
N GLN A 22 -17.11 0.96 -5.42
CA GLN A 22 -18.23 1.18 -6.33
C GLN A 22 -18.01 2.40 -7.21
N ILE A 23 -18.08 2.21 -8.53
CA ILE A 23 -17.82 3.30 -9.45
C ILE A 23 -18.97 3.46 -10.44
N GLY A 24 -19.47 4.68 -10.58
CA GLY A 24 -20.47 4.96 -11.58
C GLY A 24 -21.92 4.72 -11.14
N THR A 25 -22.83 4.93 -12.08
CA THR A 25 -24.27 4.79 -11.86
C THR A 25 -24.90 4.09 -13.07
N PRO A 26 -25.48 2.90 -12.85
CA PRO A 26 -25.45 2.13 -11.60
C PRO A 26 -24.03 1.69 -11.25
N ALA A 27 -23.84 1.28 -10.00
CA ALA A 27 -22.53 0.92 -9.50
C ALA A 27 -21.87 -0.18 -10.33
N GLN A 28 -20.60 0.03 -10.64
CA GLN A 28 -19.71 -1.02 -11.14
C GLN A 28 -18.69 -1.28 -10.05
N THR A 29 -18.67 -2.49 -9.51
CA THR A 29 -17.78 -2.78 -8.38
C THR A 29 -16.47 -3.40 -8.85
N LEU A 30 -15.38 -2.70 -8.56
CA LEU A 30 -14.04 -3.17 -8.90
C LEU A 30 -13.24 -3.37 -7.64
N ASN A 31 -12.32 -4.34 -7.67
CA ASN A 31 -11.49 -4.59 -6.51
C ASN A 31 -10.15 -3.90 -6.69
N LEU A 32 -9.95 -2.84 -5.91
CA LEU A 32 -8.76 -2.01 -6.12
C LEU A 32 -7.71 -2.19 -5.02
N ASP A 33 -6.46 -1.97 -5.41
CA ASP A 33 -5.31 -1.99 -4.51
C ASP A 33 -5.14 -0.60 -3.91
N PHE A 34 -5.55 -0.42 -2.65
CA PHE A 34 -5.39 0.87 -1.95
C PHE A 34 -3.91 1.13 -1.67
N ASP A 35 -3.39 2.21 -2.22
CA ASP A 35 -1.94 2.44 -2.24
C ASP A 35 -1.57 3.79 -1.62
N THR A 36 -1.08 3.77 -0.40
CA THR A 36 -0.68 5.03 0.26
C THR A 36 0.65 5.56 -0.28
N GLY A 37 1.20 4.88 -1.29
CA GLY A 37 2.44 5.31 -1.90
C GLY A 37 2.28 5.96 -3.27
N SER A 38 1.04 6.10 -3.75
CA SER A 38 0.80 6.79 -5.00
C SER A 38 -0.53 7.53 -4.88
N SER A 39 -0.90 8.26 -5.93
CA SER A 39 -2.01 9.20 -5.81
C SER A 39 -2.91 9.25 -7.04
N ASP A 40 -2.96 8.13 -7.76
CA ASP A 40 -3.83 8.00 -8.91
C ASP A 40 -4.85 6.91 -8.64
N LEU A 41 -6.10 7.18 -8.98
CA LEU A 41 -7.14 6.17 -8.98
C LEU A 41 -7.32 5.71 -10.42
N TRP A 42 -6.77 4.55 -10.76
CA TRP A 42 -6.89 4.09 -12.14
C TRP A 42 -7.45 2.68 -12.20
N VAL A 43 -8.12 2.37 -13.31
CA VAL A 43 -8.86 1.13 -13.43
C VAL A 43 -8.71 0.46 -14.80
N PHE A 44 -8.74 -0.86 -14.79
CA PHE A 44 -8.98 -1.61 -16.03
C PHE A 44 -10.33 -1.15 -16.59
N SER A 45 -10.41 -1.04 -17.91
CA SER A 45 -11.65 -0.53 -18.49
C SER A 45 -11.97 -1.10 -19.86
N SER A 46 -13.13 -0.71 -20.37
CA SER A 46 -13.55 -1.07 -21.72
C SER A 46 -12.58 -0.53 -22.77
N GLU A 47 -11.74 0.43 -22.37
CA GLU A 47 -10.78 1.08 -23.25
C GLU A 47 -9.42 0.41 -23.25
N THR A 48 -9.21 -0.51 -22.31
CA THR A 48 -7.92 -1.19 -22.19
C THR A 48 -7.72 -2.14 -23.36
N THR A 49 -6.53 -2.10 -23.97
CA THR A 49 -6.16 -3.06 -25.01
C THR A 49 -6.57 -4.48 -24.64
N ALA A 50 -7.35 -5.12 -25.50
CA ALA A 50 -7.96 -6.41 -25.19
C ALA A 50 -6.93 -7.46 -24.78
N SER A 51 -5.83 -7.51 -25.52
CA SER A 51 -4.77 -8.48 -25.25
C SER A 51 -4.07 -8.22 -23.91
N GLU A 52 -4.40 -7.11 -23.26
CA GLU A 52 -3.77 -6.78 -21.99
C GLU A 52 -4.74 -6.97 -20.82
N VAL A 53 -5.93 -7.47 -21.12
CA VAL A 53 -6.89 -7.81 -20.08
C VAL A 53 -6.97 -9.33 -19.97
N ASP A 54 -6.83 -9.85 -18.76
CA ASP A 54 -6.85 -11.28 -18.55
CA ASP A 54 -6.86 -11.29 -18.54
C ASP A 54 -7.47 -11.63 -17.18
N GLY A 55 -8.79 -11.54 -17.09
CA GLY A 55 -9.50 -11.90 -15.88
C GLY A 55 -10.00 -10.74 -15.03
N GLN A 56 -9.49 -9.54 -15.29
CA GLN A 56 -9.87 -8.38 -14.48
C GLN A 56 -11.30 -7.94 -14.76
N THR A 57 -11.93 -7.35 -13.74
CA THR A 57 -13.21 -6.67 -13.91
C THR A 57 -12.93 -5.28 -14.44
N ILE A 58 -13.68 -4.87 -15.46
CA ILE A 58 -13.43 -3.59 -16.10
C ILE A 58 -14.51 -2.55 -15.80
N TYR A 59 -14.09 -1.29 -15.82
CA TYR A 59 -14.99 -0.14 -15.73
C TYR A 59 -15.42 0.22 -17.15
N THR A 60 -16.72 0.34 -17.37
CA THR A 60 -17.22 0.73 -18.68
C THR A 60 -17.92 2.08 -18.55
N PRO A 61 -17.20 3.17 -18.84
CA PRO A 61 -17.79 4.49 -18.56
C PRO A 61 -19.03 4.78 -19.41
N SER A 62 -19.10 4.22 -20.61
CA SER A 62 -20.26 4.43 -21.47
C SER A 62 -21.56 3.92 -20.82
N LYS A 63 -21.44 3.04 -19.84
CA LYS A 63 -22.60 2.47 -19.16
C LYS A 63 -22.89 3.17 -17.82
N SER A 64 -22.08 4.17 -17.47
CA SER A 64 -22.34 4.97 -16.28
C SER A 64 -22.95 6.32 -16.64
N THR A 65 -24.16 6.58 -16.14
CA THR A 65 -24.88 7.79 -16.49
C THR A 65 -24.30 9.01 -15.82
N THR A 66 -23.41 8.80 -14.84
CA THR A 66 -22.77 9.91 -14.16
C THR A 66 -21.32 10.13 -14.62
N ALA A 67 -20.84 9.28 -15.54
CA ALA A 67 -19.48 9.44 -16.07
C ALA A 67 -19.37 10.58 -17.08
N LYS A 68 -18.35 11.41 -16.93
CA LYS A 68 -18.08 12.51 -17.86
C LYS A 68 -16.62 12.45 -18.26
N LEU A 69 -16.35 12.47 -19.56
CA LEU A 69 -14.97 12.47 -20.02
C LEU A 69 -14.33 13.78 -19.61
N LEU A 70 -13.14 13.72 -19.01
CA LEU A 70 -12.43 14.94 -18.68
C LEU A 70 -11.63 15.34 -19.91
N SER A 71 -12.08 16.39 -20.58
CA SER A 71 -11.55 16.75 -21.90
C SER A 71 -10.05 17.05 -21.90
N GLY A 72 -9.33 16.36 -22.77
CA GLY A 72 -7.91 16.60 -22.95
C GLY A 72 -7.00 16.00 -21.90
N ALA A 73 -7.58 15.37 -20.89
CA ALA A 73 -6.78 14.84 -19.77
C ALA A 73 -6.26 13.43 -20.05
N THR A 74 -4.99 13.23 -19.79
CA THR A 74 -4.38 11.90 -19.88
C THR A 74 -3.56 11.62 -18.63
N TRP A 75 -3.22 10.35 -18.42
CA TRP A 75 -2.39 9.96 -17.30
C TRP A 75 -1.45 8.86 -17.72
N SER A 76 -0.36 8.72 -16.99
CA SER A 76 0.67 7.74 -17.27
C SER A 76 1.53 7.59 -16.02
N ILE A 77 1.69 6.36 -15.54
CA ILE A 77 2.41 6.16 -14.30
C ILE A 77 3.30 4.93 -14.38
N SER A 78 4.42 4.97 -13.65
N SER A 78 4.42 4.97 -13.65
CA SER A 78 5.33 3.85 -13.54
CA SER A 78 5.33 3.84 -13.54
C SER A 78 5.62 3.57 -12.06
C SER A 78 5.65 3.57 -12.07
N TYR A 79 5.74 2.30 -11.71
CA TYR A 79 6.00 1.92 -10.33
C TYR A 79 7.39 1.33 -10.18
N GLY A 80 7.82 1.16 -8.93
CA GLY A 80 9.18 0.74 -8.64
C GLY A 80 9.61 -0.60 -9.20
N ASP A 81 8.63 -1.45 -9.53
CA ASP A 81 8.93 -2.76 -10.08
C ASP A 81 8.99 -2.74 -11.60
N GLY A 82 8.94 -1.55 -12.17
CA GLY A 82 9.02 -1.40 -13.61
C GLY A 82 7.68 -1.55 -14.31
N SER A 83 6.62 -1.75 -13.52
CA SER A 83 5.28 -1.86 -14.09
C SER A 83 4.72 -0.48 -14.43
N SER A 84 3.75 -0.46 -15.34
CA SER A 84 3.21 0.82 -15.81
C SER A 84 1.79 0.70 -16.37
N SER A 85 1.11 1.84 -16.43
CA SER A 85 -0.19 1.92 -17.04
C SER A 85 -0.42 3.36 -17.48
N SER A 86 -1.40 3.55 -18.37
CA SER A 86 -1.72 4.87 -18.92
C SER A 86 -3.09 4.88 -19.60
N GLY A 87 -3.66 6.08 -19.76
CA GLY A 87 -4.91 6.21 -20.49
C GLY A 87 -5.52 7.60 -20.40
N ASP A 88 -6.84 7.65 -20.38
CA ASP A 88 -7.56 8.92 -20.27
C ASP A 88 -8.33 9.00 -18.96
N VAL A 89 -9.13 10.05 -18.80
CA VAL A 89 -9.74 10.35 -17.50
C VAL A 89 -11.24 10.64 -17.60
N TYR A 90 -12.01 10.04 -16.71
CA TYR A 90 -13.41 10.42 -16.52
C TYR A 90 -13.60 10.97 -15.11
N THR A 91 -14.64 11.77 -14.90
CA THR A 91 -15.08 12.03 -13.53
C THR A 91 -16.35 11.21 -13.32
N ASP A 92 -16.48 10.61 -12.14
CA ASP A 92 -17.64 9.79 -11.85
C ASP A 92 -17.82 9.69 -10.34
N THR A 93 -18.94 9.10 -9.93
CA THR A 93 -19.21 8.85 -8.52
C THR A 93 -18.48 7.61 -8.06
N VAL A 94 -17.77 7.73 -6.94
CA VAL A 94 -16.99 6.63 -6.39
C VAL A 94 -17.32 6.46 -4.90
N SER A 95 -17.63 5.23 -4.51
CA SER A 95 -17.96 4.95 -3.12
C SER A 95 -17.10 3.85 -2.55
N VAL A 96 -16.63 4.08 -1.32
CA VAL A 96 -15.88 3.07 -0.58
C VAL A 96 -16.57 2.82 0.75
N GLY A 97 -17.09 1.60 0.90
CA GLY A 97 -17.71 1.19 2.15
C GLY A 97 -18.71 2.18 2.72
N GLY A 98 -19.53 2.75 1.84
CA GLY A 98 -20.60 3.64 2.29
C GLY A 98 -20.26 5.11 2.26
N LEU A 99 -19.02 5.43 1.93
CA LEU A 99 -18.57 6.81 1.80
C LEU A 99 -18.51 7.21 0.34
N THR A 100 -19.21 8.28 -0.02
CA THR A 100 -19.38 8.60 -1.43
C THR A 100 -18.73 9.93 -1.82
N VAL A 101 -17.99 9.92 -2.93
CA VAL A 101 -17.45 11.13 -3.55
C VAL A 101 -18.01 11.30 -4.96
N THR A 102 -18.59 12.45 -5.25
CA THR A 102 -19.02 12.73 -6.60
C THR A 102 -17.91 13.50 -7.29
N GLY A 103 -17.80 13.32 -8.61
CA GLY A 103 -16.82 14.08 -9.38
C GLY A 103 -15.39 13.62 -9.16
N GLN A 104 -15.24 12.40 -8.68
CA GLN A 104 -13.91 11.80 -8.52
C GLN A 104 -13.27 11.49 -9.88
N ALA A 105 -12.01 11.89 -10.04
CA ALA A 105 -11.25 11.50 -11.22
C ALA A 105 -11.00 9.99 -11.22
N VAL A 106 -11.54 9.33 -12.23
CA VAL A 106 -11.34 7.91 -12.45
C VAL A 106 -10.52 7.74 -13.71
N GLU A 107 -9.29 7.27 -13.54
CA GLU A 107 -8.36 7.22 -14.67
C GLU A 107 -8.51 5.88 -15.38
N SER A 108 -8.99 5.93 -16.62
CA SER A 108 -9.31 4.73 -17.38
C SER A 108 -8.09 4.26 -18.17
N ALA A 109 -7.65 3.03 -17.93
CA ALA A 109 -6.45 2.54 -18.60
C ALA A 109 -6.69 2.20 -20.07
N LYS A 110 -5.80 2.69 -20.92
CA LYS A 110 -5.74 2.25 -22.30
C LYS A 110 -4.67 1.18 -22.43
N LYS A 111 -3.62 1.33 -21.64
CA LYS A 111 -2.48 0.42 -21.66
C LYS A 111 -2.12 0.01 -20.24
N VAL A 112 -1.75 -1.25 -20.06
CA VAL A 112 -1.15 -1.68 -18.79
C VAL A 112 0.02 -2.61 -19.09
N SER A 113 0.99 -2.67 -18.18
CA SER A 113 2.16 -3.50 -18.42
C SER A 113 1.83 -4.95 -18.08
N SER A 114 2.73 -5.86 -18.43
CA SER A 114 2.45 -7.29 -18.33
C SER A 114 2.15 -7.76 -16.92
N SER A 115 2.80 -7.16 -15.92
N SER A 115 2.81 -7.16 -15.93
CA SER A 115 2.60 -7.57 -14.53
CA SER A 115 2.61 -7.52 -14.53
C SER A 115 1.17 -7.30 -14.07
C SER A 115 1.17 -7.32 -14.09
N PHE A 116 0.56 -6.25 -14.58
CA PHE A 116 -0.84 -5.96 -14.23
C PHE A 116 -1.74 -6.95 -14.94
N THR A 117 -1.45 -7.20 -16.21
CA THR A 117 -2.23 -8.15 -17.00
C THR A 117 -2.24 -9.54 -16.36
N GLU A 118 -1.07 -9.96 -15.87
CA GLU A 118 -0.89 -11.29 -15.30
C GLU A 118 -1.54 -11.45 -13.92
N ASP A 119 -1.84 -10.33 -13.27
N ASP A 119 -1.89 -10.34 -13.29
CA ASP A 119 -2.58 -10.32 -12.01
CA ASP A 119 -2.56 -10.38 -11.99
C ASP A 119 -4.06 -10.14 -12.28
C ASP A 119 -4.06 -10.14 -12.15
N SER A 120 -4.82 -11.23 -12.22
CA SER A 120 -6.24 -11.15 -12.51
C SER A 120 -7.04 -10.63 -11.31
N THR A 121 -6.41 -10.55 -10.15
CA THR A 121 -7.15 -10.22 -8.92
C THR A 121 -7.19 -8.72 -8.62
N ILE A 122 -6.40 -7.93 -9.35
CA ILE A 122 -6.34 -6.49 -9.10
C ILE A 122 -6.90 -5.72 -10.29
N ASP A 123 -8.01 -5.03 -10.05
CA ASP A 123 -8.73 -4.32 -11.10
C ASP A 123 -8.24 -2.89 -11.28
N GLY A 124 -7.29 -2.48 -10.44
CA GLY A 124 -6.77 -1.13 -10.53
C GLY A 124 -6.25 -0.68 -9.18
N LEU A 125 -5.85 0.59 -9.09
CA LEU A 125 -5.31 1.14 -7.86
C LEU A 125 -6.12 2.31 -7.37
N LEU A 126 -6.16 2.47 -6.05
CA LEU A 126 -6.73 3.67 -5.46
C LEU A 126 -5.65 4.34 -4.60
N GLY A 127 -5.10 5.45 -5.11
CA GLY A 127 -3.97 6.12 -4.47
C GLY A 127 -4.40 6.94 -3.27
N LEU A 128 -3.59 6.88 -2.20
CA LEU A 128 -3.89 7.55 -0.95
C LEU A 128 -2.67 8.33 -0.40
N ALA A 129 -1.67 8.53 -1.24
CA ALA A 129 -0.61 9.49 -0.91
C ALA A 129 -1.12 10.91 -1.20
N PHE A 130 -0.23 11.88 -1.22
CA PHE A 130 -0.70 13.26 -1.33
C PHE A 130 -0.93 13.62 -2.79
N SER A 131 -1.94 14.47 -3.04
CA SER A 131 -2.40 14.72 -4.40
C SER A 131 -1.35 15.36 -5.28
N THR A 132 -0.29 15.89 -4.67
CA THR A 132 0.80 16.49 -5.42
C THR A 132 1.48 15.48 -6.35
N LEU A 133 1.31 14.19 -6.07
CA LEU A 133 1.91 13.13 -6.91
C LEU A 133 1.02 12.66 -8.06
N ASN A 134 -0.22 13.15 -8.12
CA ASN A 134 -1.16 12.69 -9.15
C ASN A 134 -0.62 13.00 -10.55
N THR A 135 -0.71 12.03 -11.46
CA THR A 135 -0.06 12.18 -12.75
C THR A 135 -0.94 12.79 -13.85
N VAL A 136 -2.20 13.12 -13.56
CA VAL A 136 -3.08 13.58 -14.62
C VAL A 136 -2.59 14.90 -15.20
N SER A 137 -2.55 14.96 -16.53
CA SER A 137 -2.06 16.10 -17.28
C SER A 137 -3.10 16.50 -18.33
N PRO A 138 -3.24 17.81 -18.57
CA PRO A 138 -2.47 18.95 -18.06
C PRO A 138 -2.99 19.52 -16.75
N THR A 139 -4.06 18.96 -16.20
CA THR A 139 -4.61 19.42 -14.93
C THR A 139 -4.57 18.30 -13.90
N GLN A 140 -3.72 18.43 -12.88
N GLN A 140 -3.72 18.45 -12.89
CA GLN A 140 -3.64 17.42 -11.83
CA GLN A 140 -3.63 17.47 -11.79
C GLN A 140 -4.98 17.27 -11.11
C GLN A 140 -4.97 17.27 -11.10
N GLN A 141 -5.29 16.03 -10.75
CA GLN A 141 -6.55 15.69 -10.08
C GLN A 141 -6.30 15.26 -8.63
N LYS A 142 -7.34 15.31 -7.80
CA LYS A 142 -7.21 14.98 -6.38
C LYS A 142 -7.53 13.54 -6.07
N THR A 143 -6.96 13.04 -4.97
CA THR A 143 -7.22 11.67 -4.53
C THR A 143 -8.62 11.55 -3.93
N PHE A 144 -9.10 10.32 -3.83
CA PHE A 144 -10.37 10.02 -3.17
C PHE A 144 -10.44 10.59 -1.74
N PHE A 145 -9.36 10.40 -0.98
CA PHE A 145 -9.31 10.89 0.39
C PHE A 145 -9.31 12.41 0.43
N ASP A 146 -8.57 13.04 -0.47
CA ASP A 146 -8.53 14.50 -0.54
CA ASP A 146 -8.54 14.50 -0.52
C ASP A 146 -9.93 15.05 -0.83
N ASN A 147 -10.63 14.44 -1.78
CA ASN A 147 -11.97 14.85 -2.14
C ASN A 147 -12.97 14.65 -1.00
N ALA A 148 -12.82 13.55 -0.25
CA ALA A 148 -13.75 13.22 0.83
C ALA A 148 -13.48 13.97 2.13
N LYS A 149 -12.24 14.42 2.31
CA LYS A 149 -11.71 14.91 3.59
C LYS A 149 -12.63 15.86 4.37
N ALA A 150 -13.10 16.90 3.71
CA ALA A 150 -13.90 17.93 4.39
C ALA A 150 -15.23 17.39 4.90
N SER A 151 -15.72 16.33 4.28
CA SER A 151 -17.02 15.78 4.64
CA SER A 151 -17.02 15.77 4.64
C SER A 151 -16.90 14.73 5.74
N LEU A 152 -15.69 14.21 5.96
CA LEU A 152 -15.49 13.18 6.97
C LEU A 152 -15.69 13.73 8.38
N ASP A 153 -16.13 12.86 9.30
CA ASP A 153 -16.26 13.26 10.69
C ASP A 153 -14.93 13.78 11.22
N SER A 154 -13.86 13.10 10.83
N SER A 154 -13.86 13.09 10.84
CA SER A 154 -12.50 13.51 11.14
CA SER A 154 -12.49 13.48 11.13
C SER A 154 -11.63 13.25 9.91
C SER A 154 -11.65 13.25 9.87
N PRO A 155 -10.70 14.16 9.60
CA PRO A 155 -9.93 14.07 8.36
C PRO A 155 -8.84 13.00 8.41
N VAL A 156 -9.25 11.74 8.54
CA VAL A 156 -8.35 10.60 8.73
C VAL A 156 -8.83 9.39 7.97
N PHE A 157 -7.89 8.51 7.64
CA PHE A 157 -8.27 7.14 7.28
C PHE A 157 -7.29 6.21 8.00
N THR A 158 -7.70 4.96 8.21
CA THR A 158 -6.86 4.01 8.94
C THR A 158 -6.71 2.71 8.14
N ALA A 159 -5.52 2.12 8.27
CA ALA A 159 -5.23 0.85 7.62
C ALA A 159 -5.03 -0.23 8.65
N ASP A 160 -5.80 -1.31 8.54
CA ASP A 160 -5.71 -2.44 9.45
C ASP A 160 -5.58 -3.71 8.62
N LEU A 161 -4.37 -3.95 8.10
CA LEU A 161 -4.14 -5.09 7.21
C LEU A 161 -3.96 -6.37 8.02
N GLY A 162 -4.53 -7.45 7.51
CA GLY A 162 -4.46 -8.73 8.19
C GLY A 162 -3.27 -9.57 7.73
N TYR A 163 -2.75 -10.40 8.63
CA TYR A 163 -1.78 -11.44 8.25
C TYR A 163 -2.56 -12.70 7.84
N HIS A 164 -2.49 -13.04 6.55
CA HIS A 164 -3.22 -14.20 6.02
C HIS A 164 -4.70 -14.14 6.38
N ALA A 165 -5.27 -12.94 6.40
CA ALA A 165 -6.63 -12.74 6.88
C ALA A 165 -7.19 -11.42 6.40
N PRO A 166 -8.53 -11.27 6.41
CA PRO A 166 -9.11 -9.99 6.02
C PRO A 166 -8.76 -8.89 7.00
N GLY A 167 -8.89 -7.64 6.56
CA GLY A 167 -8.66 -6.49 7.40
C GLY A 167 -9.62 -5.39 6.99
N THR A 168 -9.29 -4.16 7.34
CA THR A 168 -10.22 -3.05 7.20
C THR A 168 -9.54 -1.73 6.84
N TYR A 169 -10.12 -1.00 5.89
CA TYR A 169 -9.83 0.43 5.70
C TYR A 169 -11.00 1.23 6.22
N ASN A 170 -10.77 2.10 7.20
CA ASN A 170 -11.82 3.00 7.65
C ASN A 170 -11.51 4.43 7.25
N PHE A 171 -12.57 5.18 6.95
CA PHE A 171 -12.46 6.60 6.61
C PHE A 171 -13.32 7.44 7.54
N GLY A 172 -12.70 8.47 8.12
CA GLY A 172 -13.42 9.45 8.92
C GLY A 172 -13.49 9.17 10.39
N PHE A 173 -13.02 8.00 10.82
CA PHE A 173 -13.08 7.67 12.25
C PHE A 173 -12.03 6.65 12.66
N ILE A 174 -11.77 6.62 13.96
CA ILE A 174 -10.82 5.69 14.54
C ILE A 174 -11.55 4.67 15.42
N ASP A 175 -11.53 3.41 14.99
CA ASP A 175 -12.13 2.32 15.73
C ASP A 175 -11.24 1.94 16.91
N THR A 176 -11.62 2.40 18.10
CA THR A 176 -10.79 2.19 19.28
C THR A 176 -10.81 0.74 19.77
N THR A 177 -11.65 -0.10 19.18
CA THR A 177 -11.63 -1.54 19.50
C THR A 177 -10.69 -2.35 18.61
N ALA A 178 -10.07 -1.70 17.62
CA ALA A 178 -9.28 -2.40 16.61
C ALA A 178 -7.80 -2.51 16.97
N TYR A 179 -7.41 -2.02 18.14
CA TYR A 179 -6.01 -2.05 18.55
C TYR A 179 -5.90 -2.20 20.06
N THR A 180 -4.69 -2.50 20.52
CA THR A 180 -4.43 -2.59 21.94
C THR A 180 -3.55 -1.40 22.31
N GLY A 181 -3.49 -1.09 23.61
CA GLY A 181 -2.69 0.01 24.10
C GLY A 181 -3.08 1.34 23.48
N SER A 182 -2.10 2.23 23.29
N SER A 182 -2.11 2.22 23.27
CA SER A 182 -2.38 3.54 22.73
CA SER A 182 -2.38 3.54 22.73
C SER A 182 -1.84 3.68 21.31
C SER A 182 -1.77 3.74 21.35
N ILE A 183 -2.32 4.71 20.61
CA ILE A 183 -1.78 5.04 19.31
C ILE A 183 -0.66 6.07 19.50
N THR A 184 0.54 5.77 19.00
CA THR A 184 1.63 6.74 19.05
C THR A 184 1.72 7.49 17.73
N TYR A 185 1.62 8.82 17.81
CA TYR A 185 1.67 9.64 16.61
C TYR A 185 3.08 10.15 16.37
N THR A 186 3.42 10.34 15.12
CA THR A 186 4.78 10.71 14.76
C THR A 186 4.70 11.66 13.57
N ALA A 187 5.66 12.57 13.47
CA ALA A 187 5.62 13.60 12.43
C ALA A 187 5.74 13.05 11.01
N VAL A 188 5.08 13.73 10.09
CA VAL A 188 5.09 13.38 8.68
C VAL A 188 5.67 14.53 7.85
N SER A 189 6.58 14.20 6.94
CA SER A 189 6.95 15.14 5.89
C SER A 189 6.21 14.79 4.61
N THR A 190 5.64 15.81 3.98
CA THR A 190 4.90 15.62 2.73
C THR A 190 5.68 16.14 1.54
N LYS A 191 6.96 16.48 1.76
CA LYS A 191 7.75 17.15 0.73
C LYS A 191 8.03 16.27 -0.49
N GLN A 192 7.95 14.96 -0.33
CA GLN A 192 8.08 14.08 -1.49
C GLN A 192 6.73 13.50 -1.90
N GLY A 193 5.67 13.98 -1.27
CA GLY A 193 4.32 13.55 -1.62
C GLY A 193 3.88 12.28 -0.92
N PHE A 194 4.75 11.74 -0.06
CA PHE A 194 4.47 10.49 0.62
C PHE A 194 4.08 10.70 2.09
N TRP A 195 3.52 9.66 2.70
CA TRP A 195 3.42 9.61 4.15
C TRP A 195 4.79 9.24 4.71
N GLU A 196 5.68 10.23 4.73
CA GLU A 196 7.07 10.01 5.08
C GLU A 196 7.34 10.36 6.54
N TRP A 197 8.00 9.46 7.25
CA TRP A 197 8.20 9.61 8.67
C TRP A 197 9.55 9.07 9.09
N THR A 198 9.90 9.21 10.36
CA THR A 198 11.20 8.74 10.83
C THR A 198 11.06 7.77 11.98
N SER A 199 11.37 6.50 11.72
CA SER A 199 11.39 5.49 12.76
C SER A 199 12.56 5.74 13.70
N THR A 200 12.39 5.38 14.97
CA THR A 200 13.40 5.66 15.99
C THR A 200 14.40 4.52 16.16
N GLY A 201 14.21 3.43 15.43
CA GLY A 201 15.19 2.36 15.44
C GLY A 201 14.58 0.97 15.31
N TYR A 202 15.33 -0.04 15.72
CA TYR A 202 14.88 -1.41 15.48
C TYR A 202 15.51 -2.40 16.45
N ALA A 203 14.92 -3.59 16.51
CA ALA A 203 15.53 -4.73 17.18
C ALA A 203 15.29 -5.98 16.34
N VAL A 204 16.17 -6.95 16.52
CA VAL A 204 16.03 -8.24 15.84
C VAL A 204 15.75 -9.32 16.87
N GLY A 205 14.61 -9.97 16.76
CA GLY A 205 14.20 -10.97 17.72
C GLY A 205 14.22 -10.40 19.13
N SER A 206 14.85 -11.11 20.06
CA SER A 206 14.91 -10.66 21.46
CA SER A 206 14.91 -10.65 21.45
C SER A 206 16.14 -9.78 21.72
N GLY A 207 16.79 -9.34 20.65
CA GLY A 207 18.00 -8.53 20.75
C GLY A 207 17.74 -7.14 21.30
N THR A 208 18.80 -6.45 21.70
CA THR A 208 18.64 -5.10 22.24
C THR A 208 18.22 -4.14 21.14
N PHE A 209 17.39 -3.18 21.50
CA PHE A 209 16.91 -2.18 20.56
C PHE A 209 18.04 -1.22 20.19
N LYS A 210 18.17 -0.97 18.90
CA LYS A 210 19.15 -0.02 18.37
C LYS A 210 18.48 1.31 18.06
N SER A 211 18.82 2.36 18.81
CA SER A 211 18.28 3.69 18.54
C SER A 211 18.99 4.31 17.36
N THR A 212 18.24 4.51 16.27
CA THR A 212 18.81 5.09 15.07
C THR A 212 17.69 5.58 14.17
N SER A 213 17.90 6.72 13.53
CA SER A 213 16.84 7.33 12.74
C SER A 213 16.74 6.69 11.36
N ILE A 214 15.56 6.17 11.06
CA ILE A 214 15.29 5.55 9.78
C ILE A 214 14.15 6.28 9.09
N ASP A 215 14.51 7.05 8.07
CA ASP A 215 13.54 7.78 7.29
CA ASP A 215 13.54 7.79 7.29
C ASP A 215 12.88 6.89 6.25
N GLY A 216 11.56 6.87 6.20
CA GLY A 216 10.89 6.00 5.27
C GLY A 216 9.43 6.35 5.07
N ILE A 217 8.75 5.61 4.21
CA ILE A 217 7.36 5.94 3.91
C ILE A 217 6.41 4.80 4.28
N ALA A 218 5.25 5.16 4.83
CA ALA A 218 4.22 4.17 5.11
C ALA A 218 3.46 3.88 3.82
N ASP A 219 3.65 2.68 3.27
CA ASP A 219 3.20 2.40 1.92
C ASP A 219 2.44 1.08 1.81
N THR A 220 1.11 1.17 1.81
CA THR A 220 0.28 -0.02 1.75
C THR A 220 0.40 -0.73 0.40
N GLY A 221 0.89 -0.02 -0.61
CA GLY A 221 1.00 -0.56 -1.95
C GLY A 221 2.29 -1.29 -2.26
N THR A 222 3.15 -1.44 -1.26
CA THR A 222 4.38 -2.20 -1.40
C THR A 222 4.31 -3.42 -0.49
N THR A 223 4.67 -4.59 -1.00
CA THR A 223 4.54 -5.81 -0.21
C THR A 223 5.50 -5.89 0.96
N LEU A 224 6.77 -5.59 0.71
CA LEU A 224 7.81 -5.91 1.68
C LEU A 224 8.26 -4.72 2.50
N LEU A 225 9.13 -5.02 3.46
CA LEU A 225 9.77 -4.01 4.28
C LEU A 225 11.17 -3.76 3.74
N TYR A 226 11.40 -2.56 3.21
CA TYR A 226 12.69 -2.20 2.63
C TYR A 226 13.44 -1.24 3.55
N LEU A 227 14.60 -1.68 4.04
CA LEU A 227 15.34 -0.93 5.04
C LEU A 227 16.82 -0.83 4.66
N PRO A 228 17.60 0.00 5.38
CA PRO A 228 19.02 0.15 5.02
C PRO A 228 19.77 -1.17 5.07
N ALA A 229 20.77 -1.26 4.21
CA ALA A 229 21.56 -2.48 4.06
C ALA A 229 22.13 -2.97 5.38
N THR A 230 22.58 -2.04 6.23
CA THR A 230 23.13 -2.38 7.54
C THR A 230 22.09 -3.09 8.42
N VAL A 231 20.87 -2.57 8.41
CA VAL A 231 19.80 -3.11 9.22
C VAL A 231 19.38 -4.47 8.70
N VAL A 232 19.25 -4.59 7.39
CA VAL A 232 18.82 -5.83 6.75
C VAL A 232 19.86 -6.93 6.95
N SER A 233 21.14 -6.57 6.89
CA SER A 233 22.20 -7.54 7.12
C SER A 233 22.15 -8.05 8.56
N ALA A 234 21.89 -7.14 9.51
CA ALA A 234 21.79 -7.51 10.92
C ALA A 234 20.63 -8.48 11.15
N TYR A 235 19.53 -8.27 10.44
CA TYR A 235 18.40 -9.18 10.57
C TYR A 235 18.74 -10.59 10.06
N TRP A 236 19.18 -10.69 8.82
CA TRP A 236 19.35 -12.00 8.20
C TRP A 236 20.55 -12.76 8.74
N ALA A 237 21.47 -12.04 9.37
CA ALA A 237 22.56 -12.65 10.11
C ALA A 237 22.05 -13.55 11.24
N GLN A 238 20.80 -13.36 11.64
CA GLN A 238 20.23 -14.17 12.71
C GLN A 238 19.46 -15.38 12.17
N VAL A 239 19.50 -15.59 10.85
CA VAL A 239 18.84 -16.73 10.24
C VAL A 239 19.90 -17.64 9.61
N SER A 240 20.08 -18.83 10.19
CA SER A 240 21.12 -19.72 9.69
CA SER A 240 21.09 -19.77 9.70
C SER A 240 20.87 -20.09 8.23
N GLY A 241 21.90 -19.92 7.42
CA GLY A 241 21.78 -20.25 6.01
C GLY A 241 21.30 -19.12 5.13
N ALA A 242 20.81 -18.05 5.73
CA ALA A 242 20.31 -16.93 4.92
C ALA A 242 21.45 -16.26 4.18
N LYS A 243 21.18 -15.86 2.95
CA LYS A 243 22.18 -15.27 2.07
C LYS A 243 21.52 -14.28 1.12
N SER A 244 22.26 -13.26 0.71
CA SER A 244 21.75 -12.37 -0.33
C SER A 244 22.11 -12.96 -1.68
N SER A 245 21.09 -13.17 -2.51
CA SER A 245 21.25 -13.80 -3.80
C SER A 245 21.05 -12.80 -4.93
N SER A 246 22.09 -12.59 -5.72
CA SER A 246 22.00 -11.67 -6.86
C SER A 246 21.04 -12.19 -7.92
N SER A 247 21.13 -13.48 -8.22
CA SER A 247 20.27 -14.07 -9.25
C SER A 247 18.80 -13.94 -8.86
N VAL A 248 18.48 -14.24 -7.61
CA VAL A 248 17.11 -14.13 -7.14
C VAL A 248 16.70 -12.66 -6.96
N GLY A 249 17.61 -11.84 -6.44
CA GLY A 249 17.35 -10.43 -6.29
C GLY A 249 17.08 -10.00 -4.87
N GLY A 250 17.72 -10.67 -3.93
CA GLY A 250 17.62 -10.27 -2.53
C GLY A 250 17.94 -11.40 -1.59
N TYR A 251 17.59 -11.21 -0.33
CA TYR A 251 17.86 -12.21 0.69
C TYR A 251 16.89 -13.39 0.59
N VAL A 252 17.47 -14.58 0.58
CA VAL A 252 16.71 -15.82 0.65
C VAL A 252 17.18 -16.63 1.86
N PHE A 253 16.38 -17.61 2.27
CA PHE A 253 16.70 -18.37 3.46
C PHE A 253 16.10 -19.78 3.36
N PRO A 254 16.71 -20.75 4.06
CA PRO A 254 16.15 -22.10 4.03
C PRO A 254 14.70 -22.13 4.52
N CYS A 255 13.81 -22.77 3.79
CA CYS A 255 12.40 -22.72 4.18
C CYS A 255 12.17 -23.41 5.54
N SER A 256 13.12 -24.24 5.98
CA SER A 256 12.99 -24.91 7.26
C SER A 256 13.38 -24.03 8.46
N ALA A 257 13.83 -22.81 8.18
CA ALA A 257 14.29 -21.91 9.24
C ALA A 257 13.14 -21.39 10.10
N THR A 258 13.45 -21.03 11.34
CA THR A 258 12.52 -20.27 12.16
C THR A 258 12.95 -18.81 12.14
N LEU A 259 12.11 -17.94 11.62
CA LEU A 259 12.47 -16.52 11.49
C LEU A 259 12.30 -15.77 12.81
N PRO A 260 13.30 -14.95 13.18
CA PRO A 260 13.13 -14.07 14.34
C PRO A 260 12.18 -12.92 14.02
N SER A 261 11.55 -12.35 15.05
CA SER A 261 10.73 -11.18 14.84
C SER A 261 11.59 -9.97 14.47
N PHE A 262 10.93 -8.90 14.04
CA PHE A 262 11.58 -7.63 13.77
C PHE A 262 10.75 -6.53 14.38
N THR A 263 11.41 -5.71 15.17
CA THR A 263 10.75 -4.62 15.90
C THR A 263 11.18 -3.28 15.31
N PHE A 264 10.24 -2.37 15.07
CA PHE A 264 10.65 -1.02 14.71
C PHE A 264 10.05 0.00 15.66
N GLY A 265 10.76 1.10 15.84
CA GLY A 265 10.34 2.13 16.78
C GLY A 265 9.46 3.20 16.15
N VAL A 266 8.44 3.60 16.92
CA VAL A 266 7.61 4.75 16.61
C VAL A 266 7.68 5.61 17.87
N GLY A 267 8.51 6.65 17.84
CA GLY A 267 8.83 7.37 19.04
C GLY A 267 9.34 6.39 20.09
N SER A 268 8.76 6.43 21.28
CA SER A 268 9.14 5.50 22.34
C SER A 268 8.41 4.16 22.22
N ALA A 269 7.42 4.09 21.33
CA ALA A 269 6.64 2.87 21.20
C ALA A 269 7.35 1.88 20.29
N ARG A 270 6.90 0.64 20.33
CA ARG A 270 7.54 -0.42 19.58
C ARG A 270 6.50 -1.29 18.88
N ILE A 271 6.70 -1.52 17.59
CA ILE A 271 5.85 -2.44 16.84
C ILE A 271 6.62 -3.70 16.52
N VAL A 272 6.08 -4.85 16.92
CA VAL A 272 6.77 -6.12 16.72
C VAL A 272 6.16 -6.89 15.54
N ILE A 273 6.97 -7.11 14.50
CA ILE A 273 6.58 -7.92 13.35
C ILE A 273 6.97 -9.37 13.63
N PRO A 274 5.97 -10.26 13.77
CA PRO A 274 6.29 -11.67 14.03
C PRO A 274 7.12 -12.27 12.91
N GLY A 275 8.02 -13.18 13.27
CA GLY A 275 8.88 -13.81 12.29
C GLY A 275 8.17 -14.36 11.06
N ASP A 276 7.01 -15.01 11.23
CA ASP A 276 6.42 -15.63 10.05
C ASP A 276 5.85 -14.59 9.06
N TYR A 277 5.70 -13.33 9.48
CA TYR A 277 5.30 -12.26 8.55
C TYR A 277 6.38 -12.02 7.49
N ILE A 278 7.59 -12.46 7.80
CA ILE A 278 8.75 -12.14 6.98
C ILE A 278 9.05 -13.29 5.98
N ASP A 279 8.23 -14.33 6.02
CA ASP A 279 8.39 -15.49 5.13
C ASP A 279 7.49 -15.37 3.90
N PHE A 280 8.10 -15.26 2.72
CA PHE A 280 7.32 -15.14 1.48
C PHE A 280 7.46 -16.36 0.57
N GLY A 281 7.73 -17.49 1.22
CA GLY A 281 7.63 -18.78 0.56
C GLY A 281 8.70 -19.09 -0.46
N PRO A 282 8.60 -20.26 -1.08
CA PRO A 282 9.63 -20.74 -2.02
C PRO A 282 9.86 -19.78 -3.18
N ILE A 283 11.11 -19.64 -3.58
CA ILE A 283 11.47 -18.69 -4.62
C ILE A 283 10.86 -19.12 -5.95
N SER A 284 10.73 -20.43 -6.12
CA SER A 284 10.03 -21.04 -7.26
C SER A 284 9.29 -22.25 -6.74
N THR A 285 8.24 -22.66 -7.43
CA THR A 285 7.44 -23.78 -6.95
C THR A 285 8.31 -25.01 -6.69
N GLY A 286 8.15 -25.57 -5.49
CA GLY A 286 8.87 -26.77 -5.12
C GLY A 286 10.25 -26.54 -4.50
N SER A 287 10.74 -25.31 -4.53
CA SER A 287 12.06 -25.00 -3.97
C SER A 287 12.06 -25.00 -2.44
N SER A 288 13.18 -25.36 -1.85
CA SER A 288 13.35 -25.29 -0.41
C SER A 288 14.07 -24.01 0.00
N SER A 289 14.28 -23.13 -0.98
CA SER A 289 14.81 -21.81 -0.71
CA SER A 289 14.82 -21.80 -0.71
C SER A 289 13.67 -20.80 -0.68
N CYS A 290 13.56 -20.03 0.40
CA CYS A 290 12.44 -19.12 0.58
C CYS A 290 12.87 -17.66 0.46
N PHE A 291 11.94 -16.81 0.02
CA PHE A 291 12.25 -15.41 -0.17
C PHE A 291 11.92 -14.59 1.07
N GLY A 292 12.84 -13.71 1.44
CA GLY A 292 12.67 -12.88 2.64
C GLY A 292 11.80 -11.66 2.47
N GLY A 293 11.10 -11.31 3.55
CA GLY A 293 10.17 -10.20 3.53
C GLY A 293 10.79 -8.90 3.98
N ILE A 294 12.04 -8.95 4.40
CA ILE A 294 12.82 -7.75 4.74
C ILE A 294 13.95 -7.69 3.73
N GLN A 295 14.01 -6.61 2.96
CA GLN A 295 15.02 -6.48 1.92
C GLN A 295 15.72 -5.14 1.98
N SER A 296 16.88 -5.04 1.33
CA SER A 296 17.63 -3.80 1.32
C SER A 296 16.99 -2.73 0.44
N SER A 297 17.00 -1.49 0.93
CA SER A 297 16.45 -0.36 0.18
C SER A 297 17.54 0.34 -0.63
N ALA A 298 18.76 -0.18 -0.51
N ALA A 298 18.76 -0.18 -0.59
CA ALA A 298 19.89 0.35 -1.28
CA ALA A 298 19.91 0.49 -1.19
C ALA A 298 19.65 0.09 -2.76
C ALA A 298 19.67 0.92 -2.65
N GLY A 299 19.48 1.17 -3.51
N GLY A 299 19.05 0.03 -3.43
CA GLY A 299 19.12 1.07 -4.90
CA GLY A 299 18.83 0.31 -4.85
C GLY A 299 17.75 1.67 -5.12
C GLY A 299 17.50 0.98 -5.15
N ILE A 300 16.88 1.54 -4.13
CA ILE A 300 15.55 2.16 -4.23
C ILE A 300 15.68 3.66 -4.05
N GLY A 301 16.49 4.05 -3.07
CA GLY A 301 16.71 5.45 -2.78
C GLY A 301 15.80 5.95 -1.66
N ILE A 302 15.01 5.03 -1.10
CA ILE A 302 14.11 5.37 -0.01
C ILE A 302 13.71 4.11 0.76
N ASN A 303 13.56 4.23 2.08
CA ASN A 303 13.10 3.11 2.88
C ASN A 303 11.61 3.02 2.81
N ILE A 304 11.09 1.80 2.74
CA ILE A 304 9.66 1.59 2.59
C ILE A 304 9.10 0.67 3.66
N PHE A 305 8.25 1.23 4.50
CA PHE A 305 7.48 0.44 5.44
C PHE A 305 6.24 -0.08 4.72
N GLY A 306 6.41 -1.19 4.02
CA GLY A 306 5.35 -1.77 3.21
C GLY A 306 4.49 -2.69 4.06
N ASP A 307 3.72 -3.55 3.40
CA ASP A 307 2.72 -4.37 4.10
C ASP A 307 3.30 -5.23 5.22
N VAL A 308 4.51 -5.76 5.04
CA VAL A 308 5.13 -6.58 6.07
C VAL A 308 5.15 -5.87 7.43
N ALA A 309 5.47 -4.58 7.41
CA ALA A 309 5.47 -3.78 8.64
C ALA A 309 4.08 -3.33 9.05
N LEU A 310 3.33 -2.79 8.08
CA LEU A 310 2.06 -2.17 8.41
C LEU A 310 1.02 -3.15 8.92
N LYS A 311 1.08 -4.40 8.48
CA LYS A 311 0.07 -5.38 8.89
C LYS A 311 0.29 -5.85 10.33
N ALA A 312 1.44 -5.48 10.90
CA ALA A 312 1.69 -5.71 12.33
C ALA A 312 1.11 -4.59 13.19
N ALA A 313 0.54 -3.56 12.57
CA ALA A 313 0.02 -2.42 13.32
C ALA A 313 -1.37 -1.97 12.89
N PHE A 314 -2.00 -1.19 13.75
CA PHE A 314 -3.15 -0.39 13.38
C PHE A 314 -2.58 0.99 13.01
N VAL A 315 -2.81 1.44 11.78
CA VAL A 315 -2.11 2.62 11.28
C VAL A 315 -3.10 3.74 10.96
N VAL A 316 -2.86 4.90 11.55
CA VAL A 316 -3.68 6.08 11.32
C VAL A 316 -2.99 7.03 10.37
N PHE A 317 -3.65 7.31 9.26
CA PHE A 317 -3.16 8.32 8.33
C PHE A 317 -3.96 9.61 8.60
N ASN A 318 -3.37 10.49 9.40
CA ASN A 318 -4.05 11.70 9.88
C ASN A 318 -3.84 12.86 8.91
N GLY A 319 -4.91 13.24 8.22
CA GLY A 319 -4.85 14.21 7.15
C GLY A 319 -5.26 15.61 7.60
N ALA A 320 -5.03 15.89 8.88
CA ALA A 320 -5.22 17.23 9.42
C ALA A 320 -4.32 18.24 8.69
N THR A 321 -4.51 19.53 8.99
CA THR A 321 -3.74 20.59 8.35
C THR A 321 -2.23 20.31 8.37
N THR A 322 -1.73 19.83 9.50
CA THR A 322 -0.41 19.23 9.56
C THR A 322 -0.58 17.72 9.69
N PRO A 323 -0.36 16.99 8.60
CA PRO A 323 -0.59 15.55 8.73
C PRO A 323 0.42 14.86 9.64
N THR A 324 -0.04 13.77 10.27
CA THR A 324 0.81 12.91 11.10
C THR A 324 0.40 11.45 10.84
N LEU A 325 1.22 10.54 11.36
CA LEU A 325 0.95 9.10 11.27
CA LEU A 325 0.97 9.11 11.26
C LEU A 325 0.84 8.52 12.67
N GLY A 326 -0.11 7.62 12.88
CA GLY A 326 -0.24 6.97 14.16
C GLY A 326 -0.03 5.47 14.01
N PHE A 327 0.63 4.86 14.99
CA PHE A 327 0.85 3.41 15.03
C PHE A 327 0.41 2.84 16.36
N ALA A 328 -0.34 1.74 16.33
CA ALA A 328 -0.66 1.03 17.54
C ALA A 328 -0.44 -0.46 17.33
N SER A 329 -0.09 -1.15 18.40
N SER A 329 -0.06 -1.15 18.39
CA SER A 329 -0.06 -2.62 18.38
CA SER A 329 -0.06 -2.61 18.35
C SER A 329 -1.48 -3.14 18.40
C SER A 329 -1.51 -3.10 18.28
N LYS A 330 -1.69 -4.36 17.89
CA LYS A 330 -3.04 -4.90 17.81
C LYS A 330 -3.04 -6.40 18.05
C ACT B . 7.69 -21.67 3.75
O ACT B . 7.70 -22.60 2.93
OXT ACT B . 6.87 -20.75 3.52
CH3 ACT B . 8.60 -21.65 4.95
C ACT C . -7.45 13.19 15.79
O ACT C . -7.57 12.91 16.99
OXT ACT C . -6.40 13.80 15.47
CH3 ACT C . -8.51 12.85 14.78
C ACT D . -6.70 -7.44 11.49
O ACT D . -5.61 -7.11 11.96
OXT ACT D . -6.87 -7.18 10.27
CH3 ACT D . -7.76 -8.11 12.31
C ACT E . 23.59 -0.71 -4.48
O ACT E . 22.98 -1.78 -4.27
OXT ACT E . 23.02 0.13 -5.20
CH3 ACT E . 24.96 -0.46 -3.89
S DMS F . 6.31 -5.61 -15.98
O DMS F . 5.02 -4.88 -15.78
C1 DMS F . 7.16 -4.92 -17.43
C2 DMS F . 7.47 -5.12 -14.67
S DMS G . 6.20 16.49 -4.27
O DMS G . 7.28 16.65 -5.29
C1 DMS G . 5.34 18.07 -4.04
C2 DMS G . 4.89 15.51 -5.02
C4 DD7 H . 1.29 -6.67 -6.01
C5 DD7 H . 0.67 -7.80 -6.52
C6 DD7 H . 3.30 -5.49 -5.07
C7 DD7 H . 4.49 -3.34 -5.59
C8 DD7 H . 4.55 -2.28 -6.72
C9 DD7 H . 4.42 -0.85 -6.20
C10 DD7 H . 6.60 -1.50 -6.34
C11 DD7 H . 6.77 -2.31 -5.03
C12 DD7 H . 5.95 -3.61 -5.05
C13 DD7 H . 9.31 -1.09 -4.89
C14 DD7 H . 10.49 -1.03 -5.60
C15 DD7 H . 11.10 0.19 -5.84
O2 DD7 H . 5.79 -4.12 -3.74
N DD7 H . 3.90 -4.60 -6.12
C3 DD7 H . 2.63 -6.70 -5.64
C2 DD7 H . 3.33 -7.90 -5.79
C1 DD7 H . 2.70 -9.03 -6.29
C DD7 H . 1.37 -8.98 -6.66
O DD7 H . 5.78 -0.40 -6.05
O1 DD7 H . 5.88 -2.28 -7.27
S DD7 H . 8.52 -2.66 -4.65
C18 DD7 H . 8.72 0.09 -4.43
C17 DD7 H . 9.33 1.30 -4.69
C16 DD7 H . 10.52 1.36 -5.39
C1 PEG I . 11.43 13.33 5.63
O1 PEG I . 12.40 14.15 4.99
C2 PEG I . 11.49 13.49 7.12
O2 PEG I . 10.56 12.60 7.73
C3 PEG I . 10.40 12.87 9.10
C4 PEG I . 9.17 13.66 9.35
O4 PEG I . 9.09 14.06 10.70
#